data_1F4X
#
_entry.id   1F4X
#
_cell.length_a   45.570
_cell.length_b   113.090
_cell.length_c   46.240
_cell.angle_alpha   90.00
_cell.angle_beta   100.57
_cell.angle_gamma   90.00
#
_symmetry.space_group_name_H-M   'P 1 21 1'
#
loop_
_entity.id
_entity.type
_entity.pdbx_description
1 polymer 'ANTIBODY S-20-4, FAB FRAGMENT, LIGHT CHAIN'
2 polymer 'ANTIBODY S-20-4, FAB FRAGMENT, HEAVY CHAIN'
3 non-polymer 'methyl 4,6-dideoxy-4-{[(2R)-2,4-dihydroxybutanoyl]amino}-2-O-methyl-alpha-D-mannopyranoside'
4 water water
#
loop_
_entity_poly.entity_id
_entity_poly.type
_entity_poly.pdbx_seq_one_letter_code
_entity_poly.pdbx_strand_id
1 'polypeptide(L)'
;QAVVTQESALTTSPGETVTLTCRSSTGTVTTSNYANWVQEKPDHLFTGLIGATNNRAAGVPVRFSGSLIGGKAALTITGA
QTEDEAIYFCALWYSGHWVFGGGTKLTVLGQPKSSPSVTLFPPSSEELETNKATLVCTITDFYPGVVTVDWKVDGTPVTQ
GMETTNPSKQSNNKYMASSYLTLTARAWERHSSYSCQVTHEGHTVEKSLS
;
L
2 'polypeptide(L)'
;EVQLEESGGGLVTPGGSLRLSCAASGYVFSTYDMSWVRQTPEKRLEWVAFISSGGGRTSYPDTVKGRFTISRDDAKNTLY
LQMSSLQSEDTAMYYCTRHFYAVLDYWGRGTTLTVSSAKTTPPSVYPLAPGSAAQTNSMVTLGCLVKGYFPEPVTVTWNS
GSLSSGVHTFPAVLQSDLYTLSSSVTVPSSTWPSETVTCNVAHPASSTKVDKKIVP
;
H
#
# COMPACT_ATOMS: atom_id res chain seq x y z
N GLN A 1 -17.39 17.14 -8.19
CA GLN A 1 -17.63 17.09 -6.72
C GLN A 1 -16.41 17.57 -5.93
N ALA A 2 -16.48 17.50 -4.59
CA ALA A 2 -15.34 18.06 -3.86
C ALA A 2 -14.06 17.25 -3.92
N VAL A 3 -12.98 17.98 -3.74
CA VAL A 3 -11.67 17.36 -3.62
C VAL A 3 -11.36 17.51 -2.13
N VAL A 4 -10.90 16.51 -1.40
CA VAL A 4 -10.69 16.66 0.04
C VAL A 4 -9.22 16.60 0.32
N THR A 5 -8.59 17.52 1.09
CA THR A 5 -7.14 17.30 1.12
C THR A 5 -6.69 17.29 2.55
N GLN A 6 -5.69 16.48 2.89
CA GLN A 6 -5.19 16.34 4.21
C GLN A 6 -3.69 16.44 4.15
N GLU A 7 -3.06 16.67 5.29
CA GLU A 7 -1.61 16.72 5.33
C GLU A 7 -1.19 15.29 4.91
N SER A 8 -0.12 15.23 4.12
CA SER A 8 0.46 14.00 3.65
C SER A 8 1.13 13.25 4.78
N ALA A 9 1.88 13.97 5.60
CA ALA A 9 2.60 13.24 6.67
C ALA A 9 2.87 14.18 7.81
N LEU A 10 2.88 13.67 9.01
CA LEU A 10 3.19 14.45 10.19
C LEU A 10 4.05 13.57 11.10
N THR A 11 4.88 14.26 11.85
CA THR A 11 5.71 13.56 12.80
C THR A 11 5.49 14.17 14.19
N THR A 12 5.22 13.31 15.16
CA THR A 12 5.11 13.89 16.50
C THR A 12 5.89 13.02 17.46
N SER A 13 6.01 13.33 18.74
CA SER A 13 6.68 12.47 19.71
C SER A 13 5.61 12.07 20.74
N PRO A 14 5.81 10.99 21.48
CA PRO A 14 4.82 10.47 22.40
C PRO A 14 4.57 11.39 23.59
N GLY A 15 3.31 11.73 23.85
CA GLY A 15 2.96 12.60 24.94
C GLY A 15 2.59 14.00 24.44
N GLU A 16 2.88 14.24 23.16
CA GLU A 16 2.58 15.56 22.61
C GLU A 16 1.20 15.61 21.99
N THR A 17 0.87 16.80 21.52
CA THR A 17 -0.44 17.03 20.90
C THR A 17 -0.24 17.43 19.44
N VAL A 18 -0.89 16.70 18.57
CA VAL A 18 -0.83 16.87 17.16
C VAL A 18 -2.25 17.19 16.69
N THR A 19 -2.33 17.91 15.60
CA THR A 19 -3.63 18.19 15.00
C THR A 19 -3.59 17.86 13.53
N LEU A 20 -4.54 17.13 12.98
CA LEU A 20 -4.51 16.83 11.55
C LEU A 20 -5.71 17.55 10.96
N THR A 21 -5.62 18.06 9.74
CA THR A 21 -6.76 18.79 9.22
C THR A 21 -7.26 18.20 7.91
N CYS A 22 -8.47 18.53 7.57
CA CYS A 22 -9.14 18.07 6.38
C CYS A 22 -9.94 19.19 5.75
N ARG A 23 -9.61 19.62 4.55
CA ARG A 23 -10.25 20.70 3.85
C ARG A 23 -10.95 20.25 2.59
N SER A 24 -12.04 20.92 2.27
CA SER A 24 -12.82 20.60 1.09
C SER A 24 -12.46 21.64 0.04
N SER A 25 -12.55 21.37 -1.23
CA SER A 25 -12.25 22.38 -2.25
C SER A 25 -13.42 23.31 -2.48
N THR A 26 -14.56 22.79 -2.08
CA THR A 26 -15.90 23.34 -2.10
C THR A 26 -15.97 24.62 -1.30
N GLY A 27 -15.09 24.78 -0.34
CA GLY A 27 -14.93 25.94 0.42
C GLY A 27 -14.81 25.82 1.92
N THR A 28 -15.89 25.32 2.57
CA THR A 28 -15.90 25.32 4.02
C THR A 28 -16.58 24.07 4.56
N VAL A 29 -15.92 23.44 5.52
CA VAL A 29 -16.50 22.26 6.07
C VAL A 29 -17.51 22.71 7.12
N THR A 30 -18.60 21.98 7.17
CA THR A 30 -19.66 22.23 8.10
C THR A 30 -20.10 20.95 8.79
N THR A 31 -20.90 21.17 9.83
CA THR A 31 -21.56 20.17 10.61
C THR A 31 -22.38 19.22 9.74
N SER A 32 -22.92 19.69 8.62
CA SER A 32 -23.74 18.84 7.77
C SER A 32 -22.94 18.04 6.74
N ASN A 33 -21.62 18.00 6.94
CA ASN A 33 -20.64 17.22 6.22
C ASN A 33 -20.32 16.01 7.11
N TYR A 34 -20.76 15.93 8.36
CA TYR A 34 -20.52 14.85 9.30
C TYR A 34 -19.12 14.23 9.19
N ALA A 35 -18.09 15.03 9.15
CA ALA A 35 -16.73 14.60 9.03
C ALA A 35 -16.50 13.37 9.93
N ASN A 36 -15.82 12.40 9.29
CA ASN A 36 -15.39 11.19 9.91
C ASN A 36 -13.87 11.05 9.79
N TRP A 37 -13.25 10.39 10.73
CA TRP A 37 -11.87 10.10 10.80
C TRP A 37 -11.76 8.57 11.06
N VAL A 38 -11.13 7.94 10.05
CA VAL A 38 -10.86 6.52 10.07
C VAL A 38 -9.38 6.21 10.14
N GLN A 39 -9.01 5.33 11.08
CA GLN A 39 -7.64 4.92 11.22
C GLN A 39 -7.36 3.61 10.44
N GLU A 40 -6.20 3.63 9.79
CA GLU A 40 -5.71 2.45 9.12
C GLU A 40 -4.48 1.85 9.77
N LYS A 41 -4.52 0.68 10.38
CA LYS A 41 -3.28 0.08 10.86
C LYS A 41 -2.89 -1.13 9.98
N PRO A 42 -1.61 -1.49 10.12
CA PRO A 42 -0.95 -2.54 9.37
C PRO A 42 -1.75 -3.83 9.41
N ASP A 43 -1.82 -4.26 8.15
CA ASP A 43 -2.56 -5.34 7.60
C ASP A 43 -3.94 -4.82 7.18
N HIS A 44 -4.00 -3.60 6.60
CA HIS A 44 -5.30 -3.08 6.13
C HIS A 44 -6.47 -3.20 7.11
N LEU A 45 -6.27 -2.91 8.37
CA LEU A 45 -7.26 -2.99 9.42
C LEU A 45 -7.82 -1.57 9.65
N PHE A 46 -9.07 -1.33 9.29
CA PHE A 46 -9.73 -0.05 9.49
C PHE A 46 -10.62 0.01 10.71
N THR A 47 -10.58 1.12 11.43
CA THR A 47 -11.30 1.46 12.63
C THR A 47 -11.82 2.90 12.55
N GLY A 48 -13.09 3.06 12.66
CA GLY A 48 -13.71 4.41 12.66
C GLY A 48 -13.39 5.01 14.02
N LEU A 49 -12.85 6.19 14.15
CA LEU A 49 -12.44 6.78 15.42
C LEU A 49 -13.45 7.84 15.86
N ILE A 50 -13.78 8.71 14.91
CA ILE A 50 -14.67 9.81 15.12
C ILE A 50 -15.67 9.96 14.01
N GLY A 51 -16.96 10.24 14.26
CA GLY A 51 -17.85 10.52 13.15
C GLY A 51 -18.72 11.72 13.59
N ALA A 52 -19.58 12.20 12.71
CA ALA A 52 -20.46 13.31 12.93
C ALA A 52 -19.66 14.47 13.52
N THR A 53 -18.51 14.74 12.87
CA THR A 53 -17.62 15.81 13.26
C THR A 53 -16.88 15.61 14.57
N ASN A 54 -17.61 15.34 15.67
CA ASN A 54 -16.97 15.22 16.96
C ASN A 54 -17.51 14.07 17.79
N ASN A 55 -18.23 13.13 17.23
CA ASN A 55 -18.68 12.01 18.07
C ASN A 55 -17.65 10.87 18.04
N ARG A 56 -17.06 10.56 19.16
CA ARG A 56 -16.14 9.44 19.28
C ARG A 56 -16.84 8.10 19.37
N ALA A 57 -16.32 7.09 18.65
CA ALA A 57 -16.89 5.75 18.63
C ALA A 57 -16.62 5.05 19.94
N ALA A 58 -17.30 3.95 20.24
CA ALA A 58 -17.07 3.21 21.50
C ALA A 58 -15.74 2.51 21.53
N GLY A 59 -15.01 2.55 22.63
CA GLY A 59 -13.74 1.86 22.73
C GLY A 59 -12.57 2.67 22.19
N VAL A 60 -12.83 3.84 21.61
CA VAL A 60 -11.72 4.65 21.10
C VAL A 60 -11.17 5.47 22.24
N PRO A 61 -9.88 5.40 22.51
CA PRO A 61 -9.30 6.18 23.57
C PRO A 61 -9.76 7.61 23.54
N VAL A 62 -9.97 8.15 24.75
CA VAL A 62 -10.35 9.53 24.97
C VAL A 62 -9.42 10.57 24.40
N ARG A 63 -8.12 10.38 24.23
CA ARG A 63 -7.20 11.36 23.65
C ARG A 63 -7.49 11.73 22.19
N PHE A 64 -8.39 11.10 21.45
CA PHE A 64 -8.75 11.46 20.11
C PHE A 64 -9.95 12.40 20.19
N SER A 65 -10.03 13.48 19.45
CA SER A 65 -11.13 14.38 19.41
C SER A 65 -11.35 14.95 18.03
N GLY A 66 -12.56 15.35 17.74
CA GLY A 66 -12.80 15.98 16.43
C GLY A 66 -13.34 17.38 16.71
N SER A 67 -13.15 18.29 15.79
CA SER A 67 -13.67 19.63 15.81
C SER A 67 -13.58 20.27 14.41
N LEU A 68 -14.21 21.42 14.26
CA LEU A 68 -14.12 22.17 13.03
C LEU A 68 -13.19 23.35 13.39
N ILE A 69 -12.20 23.62 12.54
CA ILE A 69 -11.27 24.69 12.84
C ILE A 69 -11.05 25.49 11.57
N GLY A 70 -11.30 26.78 11.65
CA GLY A 70 -11.10 27.60 10.46
C GLY A 70 -11.64 26.99 9.18
N GLY A 71 -12.92 26.68 9.08
CA GLY A 71 -13.43 26.12 7.84
C GLY A 71 -13.05 24.70 7.43
N LYS A 72 -12.28 23.97 8.23
CA LYS A 72 -11.81 22.63 8.03
C LYS A 72 -12.23 21.65 9.14
N ALA A 73 -12.23 20.32 8.90
CA ALA A 73 -12.47 19.46 10.07
C ALA A 73 -11.11 19.12 10.63
N ALA A 74 -10.96 18.83 11.90
CA ALA A 74 -9.72 18.53 12.51
C ALA A 74 -9.80 17.37 13.49
N LEU A 75 -8.70 16.65 13.56
CA LEU A 75 -8.58 15.61 14.57
C LEU A 75 -7.39 15.97 15.44
N THR A 76 -7.57 15.98 16.74
CA THR A 76 -6.47 16.25 17.65
C THR A 76 -6.25 15.00 18.49
N ILE A 77 -5.03 14.68 18.78
CA ILE A 77 -4.62 13.57 19.59
C ILE A 77 -3.85 14.31 20.70
N THR A 78 -4.36 14.28 21.91
CA THR A 78 -3.70 14.97 23.04
C THR A 78 -2.91 13.92 23.77
N GLY A 79 -1.59 13.87 23.81
CA GLY A 79 -0.95 12.74 24.47
C GLY A 79 -0.80 11.65 23.39
N ALA A 80 -0.23 12.01 22.23
CA ALA A 80 -0.11 10.95 21.19
C ALA A 80 0.65 9.76 21.74
N GLN A 81 0.21 8.55 21.50
CA GLN A 81 0.93 7.36 21.95
C GLN A 81 1.54 6.62 20.74
N THR A 82 2.56 5.84 20.99
CA THR A 82 3.35 5.05 20.07
C THR A 82 2.50 4.19 19.17
N GLU A 83 1.41 3.61 19.64
CA GLU A 83 0.54 2.80 18.80
C GLU A 83 -0.31 3.68 17.87
N ASP A 84 -0.18 5.00 17.95
CA ASP A 84 -0.89 5.91 17.09
C ASP A 84 -0.22 6.12 15.75
N GLU A 85 0.97 5.56 15.51
CA GLU A 85 1.63 5.77 14.21
C GLU A 85 0.81 4.98 13.22
N ALA A 86 0.18 5.58 12.25
CA ALA A 86 -0.74 4.85 11.41
C ALA A 86 -1.22 5.83 10.37
N ILE A 87 -2.16 5.48 9.51
CA ILE A 87 -2.65 6.39 8.51
C ILE A 87 -4.09 6.76 8.93
N TYR A 88 -4.38 8.04 8.78
CA TYR A 88 -5.64 8.65 9.15
C TYR A 88 -6.31 9.31 7.97
N PHE A 89 -7.51 8.80 7.66
CA PHE A 89 -8.29 9.30 6.58
C PHE A 89 -9.48 10.12 7.09
N CYS A 90 -9.91 11.15 6.34
CA CYS A 90 -11.11 11.85 6.74
C CYS A 90 -12.12 11.68 5.62
N ALA A 91 -13.39 11.69 5.91
CA ALA A 91 -14.37 11.54 4.85
C ALA A 91 -15.41 12.62 5.13
N LEU A 92 -15.88 13.29 4.12
CA LEU A 92 -16.83 14.35 4.16
C LEU A 92 -18.06 13.83 3.41
N TRP A 93 -19.21 14.12 4.02
CA TRP A 93 -20.49 13.70 3.51
C TRP A 93 -21.12 14.79 2.65
N TYR A 94 -21.44 14.53 1.42
CA TYR A 94 -22.02 15.48 0.48
C TYR A 94 -23.37 15.00 0.01
N SER A 95 -24.32 15.31 0.91
CA SER A 95 -25.74 14.96 0.70
C SER A 95 -25.91 13.63 -0.02
N GLY A 96 -25.48 12.55 0.62
CA GLY A 96 -25.66 11.23 0.06
C GLY A 96 -24.38 10.61 -0.41
N HIS A 97 -23.34 11.40 -0.66
CA HIS A 97 -22.08 10.88 -1.15
C HIS A 97 -20.95 11.01 -0.15
N TRP A 98 -20.10 9.99 0.04
CA TRP A 98 -18.96 10.17 0.94
C TRP A 98 -17.80 10.63 0.05
N VAL A 99 -16.88 11.45 0.48
CA VAL A 99 -15.75 11.81 -0.38
C VAL A 99 -14.59 11.69 0.60
N PHE A 100 -13.62 10.85 0.31
CA PHE A 100 -12.48 10.69 1.20
C PHE A 100 -11.24 11.49 0.81
N GLY A 101 -10.43 11.87 1.80
CA GLY A 101 -9.18 12.58 1.60
C GLY A 101 -8.10 11.53 1.34
N GLY A 102 -6.88 12.01 0.97
CA GLY A 102 -5.78 11.13 0.68
C GLY A 102 -5.15 10.49 1.91
N GLY A 103 -5.47 10.99 3.12
CA GLY A 103 -4.90 10.23 4.22
C GLY A 103 -3.59 10.80 4.67
N THR A 104 -3.38 10.80 6.00
CA THR A 104 -2.15 11.40 6.53
C THR A 104 -1.36 10.28 7.17
N LYS A 105 -0.07 10.17 6.95
CA LYS A 105 0.78 9.22 7.58
C LYS A 105 1.34 9.93 8.83
N LEU A 106 0.88 9.40 9.97
CA LEU A 106 1.32 9.98 11.20
C LEU A 106 2.39 9.13 11.84
N THR A 107 3.55 9.72 12.07
CA THR A 107 4.64 9.04 12.77
C THR A 107 4.69 9.51 14.23
N VAL A 108 4.85 8.60 15.16
CA VAL A 108 5.04 8.91 16.58
C VAL A 108 6.39 8.26 16.95
N LEU A 109 7.39 9.09 16.98
CA LEU A 109 8.76 8.69 17.24
C LEU A 109 8.80 7.61 18.31
N GLY A 110 8.98 6.34 17.97
CA GLY A 110 9.02 5.28 18.97
C GLY A 110 10.41 4.63 19.03
N GLN A 111 11.40 5.25 18.45
CA GLN A 111 12.77 4.72 18.38
C GLN A 111 13.59 5.85 17.76
N PRO A 112 14.89 5.85 17.96
CA PRO A 112 15.74 6.86 17.37
C PRO A 112 15.64 6.83 15.85
N LYS A 113 15.83 7.97 15.26
CA LYS A 113 15.81 8.10 13.81
C LYS A 113 16.89 7.18 13.29
N SER A 114 16.61 6.49 12.17
CA SER A 114 17.57 5.58 11.57
C SER A 114 17.67 5.83 10.08
N SER A 115 18.83 6.11 9.57
CA SER A 115 19.15 6.41 8.18
C SER A 115 19.04 5.17 7.31
N PRO A 116 18.63 5.32 6.07
CA PRO A 116 18.40 4.20 5.19
C PRO A 116 19.71 3.51 4.83
N SER A 117 19.60 2.21 4.72
CA SER A 117 20.82 1.48 4.25
C SER A 117 20.50 1.26 2.76
N VAL A 118 21.28 1.79 1.85
CA VAL A 118 20.96 1.75 0.42
C VAL A 118 21.93 0.86 -0.34
N THR A 119 21.39 0.04 -1.22
CA THR A 119 22.14 -0.86 -2.09
C THR A 119 21.60 -0.78 -3.52
N LEU A 120 22.54 -0.45 -4.41
CA LEU A 120 22.30 -0.35 -5.83
C LEU A 120 22.93 -1.51 -6.62
N PHE A 121 22.09 -2.27 -7.29
CA PHE A 121 22.49 -3.41 -8.13
C PHE A 121 22.49 -3.20 -9.63
N PRO A 122 23.52 -3.69 -10.30
CA PRO A 122 23.60 -3.62 -11.77
C PRO A 122 22.71 -4.68 -12.39
N PRO A 123 22.24 -4.53 -13.62
CA PRO A 123 21.45 -5.54 -14.30
C PRO A 123 22.31 -6.78 -14.43
N SER A 124 21.69 -7.96 -14.47
CA SER A 124 22.50 -9.18 -14.58
C SER A 124 22.69 -9.56 -16.06
N SER A 125 23.73 -10.31 -16.37
CA SER A 125 24.02 -10.88 -17.68
C SER A 125 22.83 -11.63 -18.27
N GLU A 126 22.13 -12.39 -17.41
CA GLU A 126 20.95 -13.08 -17.89
C GLU A 126 19.83 -12.16 -18.25
N GLU A 127 19.66 -11.02 -17.55
CA GLU A 127 18.55 -10.19 -18.06
C GLU A 127 19.07 -9.46 -19.30
N LEU A 128 20.36 -9.17 -19.42
CA LEU A 128 20.84 -8.46 -20.60
C LEU A 128 20.55 -9.17 -21.91
N GLU A 129 20.68 -10.49 -21.85
CA GLU A 129 20.39 -11.44 -22.93
C GLU A 129 19.00 -11.22 -23.45
N THR A 130 18.00 -10.82 -22.67
CA THR A 130 16.64 -10.57 -23.13
C THR A 130 16.52 -9.16 -23.67
N ASN A 131 17.60 -8.39 -23.84
CA ASN A 131 17.61 -7.05 -24.39
C ASN A 131 16.98 -6.00 -23.47
N LYS A 132 16.99 -6.19 -22.18
CA LYS A 132 16.42 -5.34 -21.15
C LYS A 132 17.34 -5.24 -19.94
N ALA A 133 17.23 -4.10 -19.24
CA ALA A 133 18.13 -3.98 -18.08
C ALA A 133 17.46 -3.31 -16.89
N THR A 134 17.40 -4.01 -15.76
CA THR A 134 16.74 -3.39 -14.61
C THR A 134 17.71 -2.94 -13.55
N LEU A 135 17.74 -1.69 -13.13
CA LEU A 135 18.65 -1.26 -12.06
C LEU A 135 17.74 -1.35 -10.82
N VAL A 136 18.24 -2.02 -9.77
CA VAL A 136 17.48 -2.10 -8.52
C VAL A 136 18.27 -1.44 -7.38
N CYS A 137 17.61 -0.52 -6.70
CA CYS A 137 18.01 0.26 -5.56
C CYS A 137 17.09 -0.15 -4.39
N THR A 138 17.61 -0.79 -3.39
CA THR A 138 16.90 -1.29 -2.25
C THR A 138 17.32 -0.38 -1.07
N ILE A 139 16.29 -0.01 -0.34
CA ILE A 139 16.45 0.91 0.79
C ILE A 139 15.79 0.33 2.03
N THR A 140 16.49 0.07 3.10
CA THR A 140 15.90 -0.51 4.27
C THR A 140 16.33 0.17 5.57
N ASP A 141 15.73 -0.36 6.65
CA ASP A 141 16.09 0.11 7.98
C ASP A 141 15.97 1.63 8.17
N PHE A 142 14.91 2.26 7.59
CA PHE A 142 14.85 3.70 7.77
C PHE A 142 13.65 3.99 8.69
N TYR A 143 13.75 5.06 9.45
CA TYR A 143 12.72 5.53 10.40
C TYR A 143 13.04 6.97 10.72
N PRO A 144 12.10 7.87 10.53
CA PRO A 144 10.75 7.62 10.10
C PRO A 144 10.57 7.12 8.66
N GLY A 145 9.41 6.50 8.39
CA GLY A 145 8.97 5.90 7.19
C GLY A 145 8.79 6.74 5.96
N VAL A 146 9.47 7.86 5.78
CA VAL A 146 9.25 8.61 4.54
C VAL A 146 10.60 8.86 3.90
N VAL A 147 10.77 8.61 2.62
CA VAL A 147 12.00 8.83 1.90
C VAL A 147 11.59 9.44 0.52
N THR A 148 12.60 9.91 -0.15
CA THR A 148 12.45 10.47 -1.49
C THR A 148 13.58 9.87 -2.32
N VAL A 149 13.26 9.32 -3.49
CA VAL A 149 14.32 8.73 -4.30
C VAL A 149 14.41 9.41 -5.64
N ASP A 150 15.63 9.76 -6.08
CA ASP A 150 15.90 10.40 -7.32
C ASP A 150 16.97 9.62 -8.08
N TRP A 151 16.81 9.53 -9.40
CA TRP A 151 17.75 8.79 -10.21
C TRP A 151 18.46 9.73 -11.18
N LYS A 152 19.73 9.38 -11.44
CA LYS A 152 20.46 10.17 -12.40
C LYS A 152 21.23 9.21 -13.33
N VAL A 153 21.27 9.56 -14.62
CA VAL A 153 22.00 8.78 -15.59
C VAL A 153 22.99 9.81 -16.22
N ASP A 154 24.28 9.58 -16.09
CA ASP A 154 25.26 10.54 -16.56
C ASP A 154 25.03 11.93 -15.99
N GLY A 155 24.59 12.09 -14.76
CA GLY A 155 24.41 13.39 -14.09
C GLY A 155 23.09 14.05 -14.42
N THR A 156 22.34 13.54 -15.41
CA THR A 156 21.03 14.16 -15.69
C THR A 156 19.92 13.47 -14.90
N PRO A 157 19.00 14.21 -14.33
CA PRO A 157 17.86 13.64 -13.60
C PRO A 157 17.00 12.79 -14.53
N VAL A 158 16.56 11.61 -14.07
CA VAL A 158 15.73 10.74 -14.91
C VAL A 158 14.27 11.11 -14.72
N THR A 159 13.47 11.21 -15.76
CA THR A 159 12.07 11.57 -15.54
C THR A 159 11.00 10.55 -15.91
N GLN A 160 11.46 9.41 -16.42
CA GLN A 160 10.61 8.31 -16.82
C GLN A 160 11.33 6.97 -16.78
N GLY A 161 10.63 5.88 -16.53
CA GLY A 161 11.22 4.54 -16.51
C GLY A 161 11.62 4.09 -15.10
N MET A 162 11.06 4.79 -14.11
CA MET A 162 11.42 4.50 -12.74
C MET A 162 10.13 4.23 -11.96
N GLU A 163 10.18 3.44 -10.92
CA GLU A 163 9.03 3.08 -10.13
C GLU A 163 9.57 2.72 -8.76
N THR A 164 8.99 3.40 -7.78
CA THR A 164 9.39 3.23 -6.40
C THR A 164 8.24 2.66 -5.56
N THR A 165 8.57 1.69 -4.70
CA THR A 165 7.48 1.16 -3.90
C THR A 165 7.20 2.10 -2.73
N ASN A 166 6.04 1.96 -2.12
CA ASN A 166 5.61 2.71 -0.96
C ASN A 166 6.29 2.04 0.23
N PRO A 167 6.81 2.81 1.16
CA PRO A 167 7.50 2.30 2.33
C PRO A 167 6.65 1.27 3.03
N SER A 168 7.24 0.18 3.44
CA SER A 168 6.50 -0.88 4.10
C SER A 168 7.27 -1.17 5.40
N LYS A 169 6.51 -1.55 6.40
CA LYS A 169 7.04 -1.75 7.74
C LYS A 169 7.75 -3.08 7.90
N GLN A 170 8.94 -3.05 8.44
CA GLN A 170 9.75 -4.21 8.73
C GLN A 170 9.39 -4.84 10.08
N SER A 171 10.00 -5.97 10.37
CA SER A 171 9.77 -6.71 11.61
C SER A 171 10.14 -5.87 12.82
N ASN A 172 11.23 -5.15 12.75
CA ASN A 172 11.77 -4.26 13.73
C ASN A 172 11.18 -2.86 13.78
N ASN A 173 10.10 -2.56 13.13
CA ASN A 173 9.31 -1.38 12.99
C ASN A 173 9.92 -0.22 12.23
N LYS A 174 11.09 -0.47 11.65
CA LYS A 174 11.73 0.46 10.72
C LYS A 174 11.05 0.12 9.38
N TYR A 175 11.25 0.94 8.36
CA TYR A 175 10.61 0.72 7.07
C TYR A 175 11.63 0.41 5.97
N MET A 176 11.10 -0.09 4.85
CA MET A 176 11.88 -0.42 3.69
C MET A 176 11.16 -0.04 2.38
N ALA A 177 11.96 0.04 1.28
CA ALA A 177 11.35 0.39 0.02
C ALA A 177 12.33 0.00 -1.07
N SER A 178 11.71 -0.12 -2.24
CA SER A 178 12.46 -0.50 -3.41
C SER A 178 12.38 0.49 -4.55
N SER A 179 13.40 0.70 -5.38
CA SER A 179 13.14 1.56 -6.53
C SER A 179 13.69 0.91 -7.79
N TYR A 180 13.11 1.01 -8.96
CA TYR A 180 13.59 0.36 -10.16
C TYR A 180 13.81 1.32 -11.31
N LEU A 181 14.86 1.16 -12.09
CA LEU A 181 15.12 2.02 -13.25
C LEU A 181 15.09 1.03 -14.42
N THR A 182 14.14 1.20 -15.34
CA THR A 182 14.04 0.19 -16.40
C THR A 182 14.54 0.76 -17.74
N LEU A 183 15.56 0.16 -18.29
CA LEU A 183 16.15 0.57 -19.52
C LEU A 183 16.11 -0.57 -20.54
N THR A 184 16.61 -0.23 -21.72
CA THR A 184 16.78 -1.22 -22.78
C THR A 184 18.27 -1.56 -22.62
N ALA A 185 18.65 -2.75 -23.04
CA ALA A 185 20.08 -3.10 -22.99
C ALA A 185 20.84 -2.15 -23.93
N ARG A 186 20.32 -1.56 -24.99
CA ARG A 186 21.14 -0.61 -25.74
C ARG A 186 21.46 0.61 -24.84
N ALA A 187 20.40 1.16 -24.23
CA ALA A 187 20.49 2.32 -23.33
C ALA A 187 21.50 2.11 -22.22
N TRP A 188 21.51 0.92 -21.64
CA TRP A 188 22.42 0.60 -20.57
C TRP A 188 23.83 0.63 -21.16
N GLU A 189 23.97 0.16 -22.41
CA GLU A 189 25.35 0.23 -22.91
C GLU A 189 25.74 1.65 -23.34
N ARG A 190 24.82 2.57 -23.62
CA ARG A 190 25.20 3.91 -24.05
C ARG A 190 25.54 4.91 -22.94
N HIS A 191 25.20 4.68 -21.68
CA HIS A 191 25.47 5.59 -20.58
C HIS A 191 26.58 5.09 -19.68
N SER A 192 27.39 5.91 -19.06
CA SER A 192 28.45 5.42 -18.18
C SER A 192 28.09 5.39 -16.70
N SER A 193 27.38 6.38 -16.18
CA SER A 193 27.05 6.52 -14.77
C SER A 193 25.56 6.48 -14.41
N TYR A 194 25.27 5.77 -13.35
CA TYR A 194 23.92 5.57 -12.84
C TYR A 194 23.94 5.82 -11.33
N SER A 195 23.00 6.67 -10.93
CA SER A 195 22.99 6.98 -9.51
C SER A 195 21.62 6.95 -8.87
N CYS A 196 21.63 6.34 -7.69
CA CYS A 196 20.36 6.29 -6.94
C CYS A 196 20.53 7.19 -5.68
N GLN A 197 19.76 8.25 -5.60
CA GLN A 197 19.87 9.11 -4.40
C GLN A 197 18.61 8.99 -3.54
N VAL A 198 18.83 8.76 -2.26
CA VAL A 198 17.82 8.63 -1.23
C VAL A 198 17.93 9.72 -0.19
N THR A 199 16.87 10.50 -0.20
CA THR A 199 16.76 11.66 0.71
C THR A 199 15.87 11.31 1.89
N HIS A 200 16.43 11.28 3.08
CA HIS A 200 15.69 10.94 4.31
C HIS A 200 16.06 11.99 5.39
N GLU A 201 15.05 12.60 6.00
CA GLU A 201 15.20 13.60 7.05
C GLU A 201 16.24 14.65 6.76
N GLY A 202 16.29 15.23 5.56
CA GLY A 202 17.27 16.26 5.21
C GLY A 202 18.59 15.70 4.76
N HIS A 203 18.88 14.41 4.84
CA HIS A 203 20.17 13.89 4.41
C HIS A 203 20.05 13.00 3.15
N THR A 204 21.02 13.08 2.26
CA THR A 204 21.04 12.34 1.03
C THR A 204 22.02 11.19 0.98
N VAL A 205 21.50 9.97 0.82
CA VAL A 205 22.51 8.88 0.74
C VAL A 205 22.60 8.51 -0.73
N GLU A 206 23.69 8.60 -1.43
CA GLU A 206 23.68 8.22 -2.84
C GLU A 206 24.59 7.03 -3.16
N LYS A 207 24.18 6.20 -4.10
CA LYS A 207 24.90 5.01 -4.53
C LYS A 207 24.91 5.08 -6.06
N SER A 208 26.13 4.94 -6.53
CA SER A 208 26.32 5.05 -7.97
C SER A 208 27.06 3.83 -8.47
N LEU A 209 26.94 3.61 -9.76
CA LEU A 209 27.56 2.57 -10.48
C LEU A 209 28.08 3.21 -11.80
N SER A 210 29.17 2.69 -12.28
CA SER A 210 29.70 2.98 -13.61
C SER A 210 29.63 1.62 -14.34
N GLU B 1 -20.55 -8.61 19.99
CA GLU B 1 -19.27 -8.36 19.24
C GLU B 1 -19.66 -8.17 17.77
N VAL B 2 -19.52 -6.93 17.29
CA VAL B 2 -19.89 -6.59 15.92
C VAL B 2 -18.91 -7.19 14.90
N GLN B 3 -19.45 -7.88 13.90
CA GLN B 3 -18.54 -8.46 12.89
C GLN B 3 -19.10 -8.31 11.48
N LEU B 4 -18.29 -7.84 10.56
CA LEU B 4 -18.67 -7.63 9.16
C LEU B 4 -17.68 -8.50 8.33
N GLU B 5 -18.19 -9.38 7.47
CA GLU B 5 -17.29 -10.25 6.72
C GLU B 5 -17.63 -10.23 5.22
N GLU B 6 -16.64 -9.69 4.50
CA GLU B 6 -16.91 -9.68 3.04
C GLU B 6 -16.40 -10.91 2.32
N SER B 7 -16.96 -11.21 1.16
CA SER B 7 -16.36 -12.30 0.36
C SER B 7 -16.91 -12.18 -1.05
N GLY B 8 -16.43 -13.10 -1.88
CA GLY B 8 -16.85 -13.15 -3.29
C GLY B 8 -15.77 -12.55 -4.19
N GLY B 9 -14.70 -11.93 -3.71
CA GLY B 9 -13.80 -11.34 -4.70
C GLY B 9 -12.95 -12.43 -5.34
N GLY B 10 -12.16 -12.07 -6.33
CA GLY B 10 -11.17 -12.97 -6.93
C GLY B 10 -10.69 -12.32 -8.23
N LEU B 11 -10.33 -13.09 -9.24
CA LEU B 11 -9.87 -12.51 -10.49
C LEU B 11 -10.96 -12.62 -11.54
N VAL B 12 -11.20 -11.54 -12.27
CA VAL B 12 -12.15 -11.45 -13.37
C VAL B 12 -11.50 -10.73 -14.55
N THR B 13 -12.11 -10.69 -15.72
CA THR B 13 -11.56 -10.02 -16.88
C THR B 13 -12.43 -8.81 -17.17
N PRO B 14 -11.85 -7.81 -17.77
CA PRO B 14 -12.59 -6.57 -18.04
C PRO B 14 -13.86 -6.91 -18.76
N GLY B 15 -14.95 -6.29 -18.44
CA GLY B 15 -16.21 -6.56 -19.08
C GLY B 15 -17.01 -7.55 -18.23
N GLY B 16 -16.32 -8.21 -17.26
CA GLY B 16 -16.99 -9.21 -16.44
C GLY B 16 -17.92 -8.64 -15.36
N SER B 17 -18.58 -9.54 -14.66
CA SER B 17 -19.56 -9.40 -13.65
C SER B 17 -19.22 -10.17 -12.38
N LEU B 18 -19.74 -9.65 -11.27
CA LEU B 18 -19.45 -10.41 -10.03
C LEU B 18 -20.29 -9.84 -8.91
N ARG B 19 -20.67 -10.61 -7.92
CA ARG B 19 -21.42 -10.13 -6.76
C ARG B 19 -20.59 -10.34 -5.50
N LEU B 20 -20.31 -9.30 -4.72
CA LEU B 20 -19.59 -9.41 -3.48
C LEU B 20 -20.65 -9.47 -2.38
N SER B 21 -20.36 -10.09 -1.26
CA SER B 21 -21.25 -10.21 -0.15
C SER B 21 -20.66 -9.60 1.13
N CYS B 22 -21.53 -9.05 1.96
CA CYS B 22 -20.94 -8.57 3.23
C CYS B 22 -21.91 -9.09 4.31
N ALA B 23 -21.36 -10.05 5.05
CA ALA B 23 -22.25 -10.69 6.05
C ALA B 23 -22.06 -10.09 7.44
N ALA B 24 -23.18 -9.68 8.03
CA ALA B 24 -23.04 -9.10 9.36
C ALA B 24 -23.50 -9.96 10.51
N SER B 25 -22.85 -9.70 11.63
CA SER B 25 -23.39 -10.38 12.81
C SER B 25 -23.02 -9.61 14.07
N GLY B 26 -23.88 -9.90 15.07
CA GLY B 26 -23.64 -9.34 16.41
C GLY B 26 -24.34 -8.06 16.65
N TYR B 27 -25.31 -7.63 15.87
CA TYR B 27 -26.04 -6.37 16.12
C TYR B 27 -27.28 -6.45 15.27
N VAL B 28 -28.23 -5.52 15.36
CA VAL B 28 -29.43 -5.62 14.54
C VAL B 28 -29.17 -4.94 13.19
N PHE B 29 -28.81 -5.77 12.23
CA PHE B 29 -28.39 -5.31 10.92
C PHE B 29 -29.38 -4.41 10.21
N SER B 30 -30.69 -4.61 10.29
CA SER B 30 -31.69 -3.81 9.65
C SER B 30 -31.79 -2.37 10.09
N THR B 31 -31.38 -1.97 11.29
CA THR B 31 -31.48 -0.58 11.70
C THR B 31 -30.56 0.41 11.00
N TYR B 32 -29.34 -0.08 10.62
CA TYR B 32 -28.39 0.87 10.04
C TYR B 32 -28.18 0.90 8.53
N ASP B 33 -27.86 2.11 8.13
CA ASP B 33 -27.47 2.52 6.81
C ASP B 33 -26.07 1.91 6.65
N MET B 34 -25.74 1.53 5.43
CA MET B 34 -24.45 0.96 5.16
C MET B 34 -23.75 1.47 3.90
N SER B 35 -22.41 1.33 3.86
CA SER B 35 -21.71 1.75 2.66
C SER B 35 -20.69 0.70 2.23
N TRP B 36 -20.33 0.77 0.95
CA TRP B 36 -19.19 -0.08 0.53
C TRP B 36 -18.09 0.93 0.22
N VAL B 37 -16.84 0.71 0.44
CA VAL B 37 -15.71 1.58 0.15
C VAL B 37 -14.59 0.74 -0.42
N ARG B 38 -13.77 1.21 -1.36
CA ARG B 38 -12.68 0.30 -1.76
C ARG B 38 -11.34 0.97 -1.49
N GLN B 39 -10.32 0.15 -1.29
CA GLN B 39 -8.99 0.73 -1.14
C GLN B 39 -8.22 0.28 -2.42
N THR B 40 -7.70 1.24 -3.18
CA THR B 40 -6.99 0.95 -4.41
C THR B 40 -5.56 0.58 -4.14
N PRO B 41 -4.88 0.05 -5.17
CA PRO B 41 -3.48 -0.40 -5.07
C PRO B 41 -2.56 0.77 -4.77
N GLU B 42 -2.91 1.96 -5.20
CA GLU B 42 -2.20 3.20 -4.87
C GLU B 42 -2.55 3.56 -3.40
N LYS B 43 -3.37 2.82 -2.70
CA LYS B 43 -3.69 3.02 -1.32
C LYS B 43 -4.64 4.14 -0.98
N ARG B 44 -5.46 4.64 -1.85
CA ARG B 44 -6.44 5.66 -1.61
C ARG B 44 -7.75 4.91 -1.24
N LEU B 45 -8.64 5.54 -0.51
CA LEU B 45 -9.93 4.97 -0.19
C LEU B 45 -10.93 5.63 -1.10
N GLU B 46 -11.85 4.94 -1.70
CA GLU B 46 -12.88 5.53 -2.50
C GLU B 46 -14.24 4.93 -2.01
N TRP B 47 -15.20 5.75 -1.81
CA TRP B 47 -16.56 5.36 -1.49
C TRP B 47 -17.17 4.86 -2.79
N VAL B 48 -17.99 3.83 -2.76
CA VAL B 48 -18.53 3.18 -3.95
C VAL B 48 -20.02 3.03 -3.99
N ALA B 49 -20.63 2.91 -2.79
CA ALA B 49 -22.10 2.75 -2.80
C ALA B 49 -22.68 2.94 -1.41
N PHE B 50 -23.92 3.33 -1.28
CA PHE B 50 -24.54 3.59 0.02
C PHE B 50 -25.95 3.08 -0.05
N ILE B 51 -26.43 2.52 1.07
CA ILE B 51 -27.84 2.09 1.04
C ILE B 51 -28.37 2.39 2.44
N SER B 52 -29.59 2.89 2.51
CA SER B 52 -30.16 3.21 3.82
C SER B 52 -30.93 2.05 4.40
N SER B 53 -31.09 2.24 5.72
CA SER B 53 -31.91 1.34 6.53
C SER B 53 -33.23 1.17 5.80
N GLY B 54 -33.79 0.03 5.49
CA GLY B 54 -35.06 0.02 4.74
C GLY B 54 -34.82 -0.12 3.27
N GLY B 55 -33.62 0.16 2.73
CA GLY B 55 -33.39 0.01 1.29
C GLY B 55 -34.04 1.04 0.42
N GLY B 56 -34.65 2.13 0.86
CA GLY B 56 -35.33 3.05 -0.06
C GLY B 56 -34.43 4.03 -0.78
N ARG B 57 -33.26 4.30 -0.18
CA ARG B 57 -32.32 5.20 -0.82
C ARG B 57 -31.01 4.45 -1.06
N THR B 58 -30.44 4.61 -2.22
CA THR B 58 -29.11 4.08 -2.55
C THR B 58 -28.42 5.25 -3.26
N SER B 59 -27.10 5.31 -3.31
CA SER B 59 -26.48 6.44 -4.01
C SER B 59 -25.09 6.00 -4.36
N TYR B 60 -24.55 6.54 -5.43
CA TYR B 60 -23.25 6.09 -5.94
C TYR B 60 -22.46 7.26 -6.51
N PRO B 61 -21.16 7.15 -6.50
CA PRO B 61 -20.31 8.17 -7.16
C PRO B 61 -20.47 7.99 -8.66
N ASP B 62 -20.19 8.96 -9.51
CA ASP B 62 -20.41 8.84 -10.94
C ASP B 62 -19.53 7.77 -11.58
N THR B 63 -18.36 7.44 -11.07
CA THR B 63 -17.59 6.43 -11.74
C THR B 63 -18.23 5.05 -11.67
N VAL B 64 -19.23 4.72 -10.86
CA VAL B 64 -19.74 3.35 -10.85
C VAL B 64 -21.23 3.40 -11.10
N LYS B 65 -21.73 4.66 -11.24
CA LYS B 65 -23.16 4.81 -11.50
C LYS B 65 -23.48 4.04 -12.80
N GLY B 66 -24.59 3.30 -12.74
CA GLY B 66 -25.03 2.50 -13.87
C GLY B 66 -24.36 1.15 -13.89
N ARG B 67 -23.19 0.91 -13.30
CA ARG B 67 -22.53 -0.34 -13.32
C ARG B 67 -22.72 -1.14 -12.04
N PHE B 68 -22.59 -0.48 -10.87
CA PHE B 68 -22.67 -1.25 -9.63
C PHE B 68 -24.08 -1.13 -9.07
N THR B 69 -24.56 -2.05 -8.26
CA THR B 69 -25.90 -1.97 -7.66
C THR B 69 -25.75 -2.50 -6.23
N ILE B 70 -26.07 -1.67 -5.23
CA ILE B 70 -25.97 -2.18 -3.86
C ILE B 70 -27.34 -2.72 -3.46
N SER B 71 -27.49 -3.71 -2.61
CA SER B 71 -28.86 -4.05 -2.15
C SER B 71 -28.61 -4.76 -0.82
N ARG B 72 -29.71 -5.04 -0.09
CA ARG B 72 -29.47 -5.69 1.21
C ARG B 72 -30.54 -6.79 1.46
N ASP B 73 -30.18 -7.79 2.21
CA ASP B 73 -31.15 -8.81 2.55
C ASP B 73 -31.18 -8.87 4.08
N ASP B 74 -32.10 -8.13 4.63
CA ASP B 74 -32.25 -8.01 6.08
C ASP B 74 -32.45 -9.36 6.73
N ALA B 75 -33.26 -10.22 6.08
CA ALA B 75 -33.49 -11.55 6.64
C ALA B 75 -32.18 -12.30 6.77
N LYS B 76 -31.16 -12.02 5.94
CA LYS B 76 -29.94 -12.80 6.16
C LYS B 76 -28.81 -11.98 6.75
N ASN B 77 -29.04 -10.75 7.18
CA ASN B 77 -27.92 -9.93 7.71
C ASN B 77 -26.84 -9.73 6.64
N THR B 78 -27.22 -9.65 5.36
CA THR B 78 -26.14 -9.52 4.40
C THR B 78 -26.29 -8.40 3.41
N LEU B 79 -25.13 -7.71 3.27
CA LEU B 79 -25.16 -6.57 2.29
C LEU B 79 -24.55 -7.04 0.97
N TYR B 80 -25.07 -6.67 -0.18
CA TYR B 80 -24.53 -7.06 -1.48
C TYR B 80 -24.03 -5.89 -2.32
N LEU B 81 -23.10 -6.14 -3.24
CA LEU B 81 -22.60 -5.26 -4.25
C LEU B 81 -22.56 -6.05 -5.58
N GLN B 82 -23.54 -5.76 -6.43
CA GLN B 82 -23.64 -6.40 -7.76
C GLN B 82 -22.78 -5.59 -8.75
N MET B 83 -21.69 -6.15 -9.26
CA MET B 83 -20.80 -5.45 -10.16
C MET B 83 -20.86 -5.95 -11.61
N SER B 84 -21.10 -5.00 -12.53
CA SER B 84 -21.08 -5.44 -13.93
C SER B 84 -20.24 -4.47 -14.74
N SER B 85 -19.88 -4.78 -15.96
CA SER B 85 -18.98 -4.00 -16.79
C SER B 85 -17.67 -3.71 -16.06
N LEU B 86 -17.09 -4.67 -15.39
CA LEU B 86 -15.90 -4.38 -14.64
C LEU B 86 -14.80 -3.86 -15.56
N GLN B 87 -13.96 -2.97 -15.01
CA GLN B 87 -12.83 -2.39 -15.70
C GLN B 87 -11.62 -2.53 -14.78
N SER B 88 -10.46 -2.43 -15.39
CA SER B 88 -9.24 -2.57 -14.61
C SER B 88 -9.11 -1.47 -13.56
N GLU B 89 -9.73 -0.30 -13.60
CA GLU B 89 -9.61 0.65 -12.46
C GLU B 89 -10.47 0.21 -11.27
N ASP B 90 -11.30 -0.83 -11.33
CA ASP B 90 -12.11 -1.40 -10.30
C ASP B 90 -11.26 -2.33 -9.45
N THR B 91 -9.98 -2.58 -9.75
CA THR B 91 -9.17 -3.46 -8.99
C THR B 91 -8.85 -2.85 -7.64
N ALA B 92 -9.30 -3.52 -6.56
CA ALA B 92 -9.17 -2.93 -5.23
C ALA B 92 -9.54 -3.93 -4.15
N MET B 93 -9.37 -3.52 -2.91
CA MET B 93 -9.91 -4.39 -1.84
C MET B 93 -11.24 -3.72 -1.47
N TYR B 94 -12.34 -4.41 -1.39
CA TYR B 94 -13.65 -3.90 -1.05
C TYR B 94 -14.02 -4.26 0.40
N TYR B 95 -14.55 -3.24 1.06
CA TYR B 95 -14.92 -3.25 2.45
C TYR B 95 -16.31 -2.69 2.66
N CYS B 96 -17.02 -3.38 3.54
CA CYS B 96 -18.33 -2.86 3.91
C CYS B 96 -18.13 -2.19 5.28
N THR B 97 -18.91 -1.13 5.49
CA THR B 97 -18.88 -0.41 6.75
C THR B 97 -20.36 -0.12 7.15
N ARG B 98 -20.62 0.05 8.43
CA ARG B 98 -21.92 0.48 8.89
C ARG B 98 -21.94 1.95 9.41
N HIS B 99 -23.10 2.61 9.13
CA HIS B 99 -23.30 3.97 9.62
C HIS B 99 -23.97 3.90 11.02
N PHE B 100 -23.13 4.07 12.05
CA PHE B 100 -23.67 4.01 13.41
C PHE B 100 -23.95 5.46 13.88
N TYR B 101 -25.10 5.98 13.46
CA TYR B 101 -25.51 7.34 13.75
C TYR B 101 -24.44 8.28 13.11
N ALA B 102 -24.15 8.09 11.84
CA ALA B 102 -23.19 8.88 11.10
C ALA B 102 -21.73 8.66 11.48
N VAL B 103 -21.45 7.64 12.26
CA VAL B 103 -20.08 7.31 12.58
C VAL B 103 -19.82 5.96 11.82
N LEU B 104 -18.78 5.94 10.99
CA LEU B 104 -18.40 4.72 10.25
C LEU B 104 -17.58 3.90 11.20
N ASP B 105 -18.18 3.21 12.17
CA ASP B 105 -17.28 2.56 13.13
C ASP B 105 -16.75 1.20 12.77
N TYR B 106 -17.60 0.26 12.40
CA TYR B 106 -17.06 -1.09 12.14
C TYR B 106 -16.81 -1.31 10.65
N TRP B 107 -15.69 -1.81 10.33
CA TRP B 107 -15.28 -2.11 8.95
C TRP B 107 -15.03 -3.61 8.85
N GLY B 108 -15.30 -4.21 7.71
CA GLY B 108 -15.03 -5.63 7.57
C GLY B 108 -13.55 -5.84 7.33
N ARG B 109 -13.19 -7.08 7.08
CA ARG B 109 -11.83 -7.49 6.78
C ARG B 109 -11.56 -7.24 5.28
N GLY B 110 -12.51 -7.12 4.42
CA GLY B 110 -12.28 -6.76 3.00
C GLY B 110 -12.09 -7.98 2.09
N THR B 111 -12.35 -7.88 0.79
CA THR B 111 -12.15 -9.05 -0.09
C THR B 111 -11.45 -8.51 -1.34
N THR B 112 -10.47 -9.12 -1.93
CA THR B 112 -9.72 -8.61 -3.06
C THR B 112 -10.34 -8.86 -4.42
N LEU B 113 -10.37 -7.84 -5.26
CA LEU B 113 -10.89 -7.94 -6.60
C LEU B 113 -9.76 -7.55 -7.54
N THR B 114 -9.33 -8.43 -8.45
CA THR B 114 -8.34 -8.03 -9.44
C THR B 114 -9.03 -8.15 -10.80
N VAL B 115 -9.14 -7.07 -11.56
CA VAL B 115 -9.75 -7.07 -12.87
C VAL B 115 -8.63 -6.89 -13.90
N SER B 116 -8.33 -7.91 -14.70
CA SER B 116 -7.19 -7.86 -15.58
C SER B 116 -7.38 -8.81 -16.78
N SER B 117 -6.76 -8.45 -17.90
CA SER B 117 -6.88 -9.39 -19.01
C SER B 117 -5.58 -10.22 -19.11
N ALA B 118 -4.56 -9.96 -18.32
CA ALA B 118 -3.32 -10.68 -18.31
C ALA B 118 -3.53 -12.19 -18.21
N LYS B 119 -2.64 -13.03 -18.71
CA LYS B 119 -2.84 -14.48 -18.58
C LYS B 119 -1.97 -15.00 -17.44
N THR B 120 -2.20 -16.21 -16.94
CA THR B 120 -1.31 -16.67 -15.87
C THR B 120 0.12 -16.76 -16.37
N THR B 121 1.07 -16.06 -15.76
CA THR B 121 2.44 -16.11 -16.23
C THR B 121 3.49 -16.22 -15.17
N PRO B 122 4.38 -17.23 -15.32
CA PRO B 122 5.39 -17.54 -14.32
C PRO B 122 6.45 -16.45 -14.39
N PRO B 123 7.21 -16.23 -13.34
CA PRO B 123 8.17 -15.15 -13.38
C PRO B 123 9.51 -15.53 -13.96
N SER B 124 10.36 -14.59 -14.38
CA SER B 124 11.72 -14.89 -14.74
C SER B 124 12.46 -14.37 -13.47
N VAL B 125 13.51 -15.07 -13.12
CA VAL B 125 14.28 -14.78 -11.95
C VAL B 125 15.71 -14.51 -12.34
N TYR B 126 16.14 -13.32 -11.89
CA TYR B 126 17.48 -12.86 -12.21
C TYR B 126 18.16 -12.57 -10.90
N PRO B 127 19.46 -12.74 -10.93
CA PRO B 127 20.24 -12.57 -9.71
C PRO B 127 20.69 -11.16 -9.46
N LEU B 128 20.75 -10.69 -8.22
CA LEU B 128 21.30 -9.37 -7.96
C LEU B 128 22.57 -9.60 -7.12
N ALA B 129 23.70 -9.44 -7.74
CA ALA B 129 25.05 -9.61 -7.20
C ALA B 129 25.64 -8.21 -7.13
N PRO B 130 26.38 -7.92 -6.07
CA PRO B 130 26.94 -6.60 -5.81
C PRO B 130 27.48 -5.90 -7.03
N GLY B 131 28.29 -6.57 -7.85
CA GLY B 131 28.69 -5.81 -9.06
C GLY B 131 29.66 -4.72 -8.58
N SER B 132 30.61 -5.19 -7.77
CA SER B 132 31.67 -4.42 -7.20
C SER B 132 32.30 -5.17 -6.02
N ALA B 133 33.63 -5.06 -5.95
CA ALA B 133 34.43 -5.65 -4.88
C ALA B 133 34.64 -4.55 -3.82
N ALA B 134 33.87 -3.48 -3.95
CA ALA B 134 33.81 -2.33 -3.07
C ALA B 134 32.92 -2.60 -1.86
N GLN B 135 32.60 -3.86 -1.63
CA GLN B 135 31.82 -4.41 -0.55
C GLN B 135 31.84 -3.52 0.69
N THR B 136 30.90 -2.60 0.73
CA THR B 136 30.81 -1.68 1.88
C THR B 136 31.44 -2.25 3.13
N ASN B 137 30.87 -3.31 3.70
CA ASN B 137 31.34 -3.94 4.92
C ASN B 137 31.91 -5.35 4.84
N SER B 138 31.69 -6.05 5.96
CA SER B 138 31.97 -7.43 6.25
C SER B 138 30.64 -8.21 6.12
N MET B 139 29.63 -7.49 5.66
CA MET B 139 28.31 -7.99 5.38
C MET B 139 28.17 -7.67 3.86
N VAL B 140 27.58 -8.61 3.14
CA VAL B 140 27.36 -8.41 1.70
C VAL B 140 25.89 -8.65 1.46
N THR B 141 25.24 -7.74 0.73
CA THR B 141 23.83 -7.91 0.41
C THR B 141 23.63 -8.35 -1.03
N LEU B 142 22.84 -9.37 -1.24
CA LEU B 142 22.51 -10.01 -2.50
C LEU B 142 21.01 -10.01 -2.75
N GLY B 143 20.59 -10.43 -3.94
CA GLY B 143 19.14 -10.44 -4.13
C GLY B 143 18.69 -11.25 -5.34
N CYS B 144 17.37 -11.24 -5.50
CA CYS B 144 16.67 -11.83 -6.59
C CYS B 144 15.62 -10.87 -7.10
N LEU B 145 15.68 -10.63 -8.38
CA LEU B 145 14.73 -9.83 -9.11
C LEU B 145 13.80 -10.89 -9.75
N VAL B 146 12.56 -10.85 -9.34
CA VAL B 146 11.48 -11.73 -9.75
C VAL B 146 10.61 -10.94 -10.67
N LYS B 147 10.82 -11.12 -11.99
CA LYS B 147 10.10 -10.35 -12.95
C LYS B 147 9.07 -10.99 -13.84
N GLY B 148 8.04 -10.18 -14.15
CA GLY B 148 6.97 -10.51 -15.03
C GLY B 148 6.03 -11.61 -14.65
N TYR B 149 5.44 -11.66 -13.45
CA TYR B 149 4.50 -12.77 -13.23
C TYR B 149 3.08 -12.21 -13.11
N PHE B 150 2.11 -13.14 -13.09
CA PHE B 150 0.72 -12.81 -12.95
C PHE B 150 -0.02 -14.12 -12.63
N PRO B 151 -0.89 -14.14 -11.64
CA PRO B 151 -1.19 -12.99 -10.78
C PRO B 151 -0.36 -13.09 -9.51
N GLU B 152 -0.70 -12.39 -8.43
CA GLU B 152 0.07 -12.52 -7.19
C GLU B 152 -0.54 -13.68 -6.40
N PRO B 153 0.16 -14.23 -5.45
CA PRO B 153 1.50 -13.80 -5.14
C PRO B 153 2.61 -14.73 -5.58
N VAL B 154 3.81 -14.47 -5.09
CA VAL B 154 4.95 -15.32 -5.27
C VAL B 154 5.51 -15.44 -3.85
N THR B 155 6.19 -16.51 -3.55
CA THR B 155 6.86 -16.61 -2.26
C THR B 155 8.33 -16.86 -2.56
N VAL B 156 9.17 -16.14 -1.83
CA VAL B 156 10.59 -16.21 -1.96
C VAL B 156 11.23 -16.78 -0.69
N THR B 157 12.14 -17.73 -0.77
CA THR B 157 12.87 -18.21 0.41
C THR B 157 14.34 -18.22 -0.02
N TRP B 158 15.25 -18.33 0.90
CA TRP B 158 16.65 -18.35 0.63
C TRP B 158 17.25 -19.64 1.20
N ASN B 159 18.10 -20.24 0.38
CA ASN B 159 18.74 -21.50 0.73
C ASN B 159 17.68 -22.43 1.29
N SER B 160 16.55 -22.58 0.66
CA SER B 160 15.42 -23.38 1.07
C SER B 160 14.91 -23.09 2.47
N GLY B 161 14.96 -21.91 3.06
CA GLY B 161 14.44 -21.64 4.37
C GLY B 161 15.57 -21.67 5.37
N SER B 162 16.79 -22.08 5.10
CA SER B 162 17.86 -22.11 6.08
C SER B 162 18.46 -20.75 6.37
N LEU B 163 18.27 -19.86 5.41
CA LEU B 163 18.86 -18.53 5.52
C LEU B 163 17.64 -17.66 5.78
N SER B 164 17.43 -17.21 7.01
CA SER B 164 16.21 -16.41 7.18
C SER B 164 16.49 -15.11 7.92
N SER B 165 17.61 -14.87 8.56
CA SER B 165 17.76 -13.55 9.15
C SER B 165 18.35 -12.66 8.03
N GLY B 166 17.91 -11.41 8.10
CA GLY B 166 18.30 -10.36 7.21
C GLY B 166 17.66 -10.43 5.83
N VAL B 167 16.46 -10.94 5.68
CA VAL B 167 15.81 -11.01 4.41
C VAL B 167 14.74 -9.93 4.23
N HIS B 168 14.77 -9.23 3.10
CA HIS B 168 13.70 -8.28 2.88
C HIS B 168 13.16 -8.57 1.47
N THR B 169 11.89 -8.75 1.49
CA THR B 169 11.16 -9.03 0.29
C THR B 169 10.21 -7.85 0.17
N PHE B 170 10.34 -7.10 -0.88
CA PHE B 170 9.57 -5.92 -1.11
C PHE B 170 8.22 -6.18 -1.71
N PRO B 171 7.31 -5.22 -1.54
CA PRO B 171 6.00 -5.26 -2.18
C PRO B 171 6.23 -5.20 -3.68
N ALA B 172 5.37 -5.78 -4.46
CA ALA B 172 5.46 -5.91 -5.89
C ALA B 172 5.01 -4.67 -6.64
N VAL B 173 5.55 -4.42 -7.82
CA VAL B 173 5.08 -3.28 -8.59
C VAL B 173 4.46 -3.86 -9.86
N LEU B 174 3.60 -3.06 -10.46
CA LEU B 174 2.94 -3.47 -11.69
C LEU B 174 3.62 -2.83 -12.88
N GLN B 175 4.44 -3.52 -13.62
CA GLN B 175 5.14 -3.11 -14.80
C GLN B 175 4.49 -3.72 -16.05
N SER B 176 3.74 -2.93 -16.80
CA SER B 176 3.16 -3.37 -18.05
C SER B 176 2.19 -4.52 -17.94
N ASP B 177 1.25 -4.48 -16.99
CA ASP B 177 0.27 -5.56 -16.82
C ASP B 177 0.81 -6.77 -16.09
N LEU B 178 2.10 -6.74 -15.70
CA LEU B 178 2.60 -7.89 -14.96
C LEU B 178 3.31 -7.38 -13.71
N TYR B 179 3.46 -8.27 -12.72
CA TYR B 179 4.13 -7.89 -11.48
C TYR B 179 5.62 -8.13 -11.43
N THR B 180 6.31 -7.35 -10.59
CA THR B 180 7.75 -7.53 -10.41
C THR B 180 8.02 -7.32 -8.91
N LEU B 181 8.96 -8.02 -8.35
CA LEU B 181 9.27 -7.74 -6.92
C LEU B 181 10.71 -8.23 -6.75
N SER B 182 11.34 -7.80 -5.70
CA SER B 182 12.69 -8.13 -5.37
C SER B 182 12.79 -8.66 -3.96
N SER B 183 13.77 -9.45 -3.65
CA SER B 183 13.95 -9.92 -2.26
C SER B 183 15.44 -9.81 -2.05
N SER B 184 15.96 -9.47 -0.94
CA SER B 184 17.39 -9.37 -0.71
C SER B 184 17.70 -10.04 0.62
N VAL B 185 18.95 -10.37 0.82
CA VAL B 185 19.48 -10.98 2.03
C VAL B 185 20.90 -10.43 2.18
N THR B 186 21.23 -10.24 3.45
CA THR B 186 22.56 -9.71 3.83
C THR B 186 23.21 -10.80 4.63
N VAL B 187 24.40 -11.15 4.25
CA VAL B 187 25.10 -12.26 4.89
C VAL B 187 26.51 -11.79 5.22
N PRO B 188 27.18 -12.50 6.11
CA PRO B 188 28.55 -12.17 6.47
C PRO B 188 29.50 -12.39 5.30
N SER B 189 30.41 -11.49 5.06
CA SER B 189 31.44 -11.53 4.03
C SER B 189 32.18 -12.83 3.87
N SER B 190 32.37 -13.62 4.93
CA SER B 190 33.07 -14.89 4.82
C SER B 190 32.19 -16.01 4.31
N THR B 191 30.88 -15.78 4.15
CA THR B 191 29.92 -16.76 3.71
C THR B 191 29.93 -16.88 2.19
N TRP B 192 30.01 -15.71 1.59
CA TRP B 192 29.84 -15.63 0.14
C TRP B 192 30.98 -14.85 -0.42
N PRO B 193 31.54 -15.31 -1.53
CA PRO B 193 31.06 -16.48 -2.23
C PRO B 193 31.57 -17.87 -1.90
N SER B 194 32.18 -18.11 -0.76
CA SER B 194 32.62 -19.46 -0.38
C SER B 194 31.40 -20.41 -0.38
N GLU B 195 30.31 -19.97 0.25
CA GLU B 195 29.14 -20.84 0.32
C GLU B 195 28.12 -20.37 -0.72
N THR B 196 27.22 -21.26 -1.06
CA THR B 196 26.15 -21.02 -2.00
C THR B 196 24.92 -20.38 -1.39
N VAL B 197 24.34 -19.43 -2.07
CA VAL B 197 23.16 -18.71 -1.67
C VAL B 197 22.29 -18.80 -2.93
N THR B 198 21.13 -19.33 -2.80
CA THR B 198 20.16 -19.49 -3.86
C THR B 198 18.83 -18.90 -3.44
N CYS B 199 18.12 -18.22 -4.33
CA CYS B 199 16.81 -17.73 -3.97
C CYS B 199 15.88 -18.83 -4.56
N ASN B 200 14.83 -19.19 -3.80
CA ASN B 200 13.89 -20.20 -4.30
C ASN B 200 12.55 -19.48 -4.45
N VAL B 201 12.07 -19.38 -5.68
CA VAL B 201 10.86 -18.65 -5.96
C VAL B 201 9.76 -19.60 -6.33
N ALA B 202 8.65 -19.57 -5.64
CA ALA B 202 7.47 -20.38 -5.93
C ALA B 202 6.35 -19.47 -6.40
N HIS B 203 5.67 -19.86 -7.44
CA HIS B 203 4.55 -19.16 -8.06
C HIS B 203 3.37 -20.15 -8.07
N PRO B 204 2.50 -20.05 -7.07
CA PRO B 204 1.42 -21.00 -6.96
C PRO B 204 0.41 -20.95 -8.06
N ALA B 205 0.04 -19.84 -8.65
CA ALA B 205 -0.98 -19.92 -9.68
C ALA B 205 -0.51 -20.75 -10.89
N SER B 206 0.79 -20.81 -11.17
CA SER B 206 1.22 -21.56 -12.36
C SER B 206 1.87 -22.84 -11.96
N SER B 207 1.89 -23.10 -10.67
CA SER B 207 2.54 -24.30 -10.14
C SER B 207 3.97 -24.33 -10.66
N THR B 208 4.69 -23.26 -10.49
CA THR B 208 6.08 -23.23 -11.03
C THR B 208 7.00 -22.90 -9.89
N LYS B 209 8.25 -23.31 -9.96
CA LYS B 209 9.27 -23.03 -8.98
C LYS B 209 10.60 -22.79 -9.69
N VAL B 210 11.33 -21.75 -9.26
CA VAL B 210 12.61 -21.46 -9.86
C VAL B 210 13.71 -21.36 -8.83
N ASP B 211 14.88 -21.94 -8.94
CA ASP B 211 15.94 -21.77 -7.95
C ASP B 211 17.12 -21.08 -8.63
N LYS B 212 17.44 -19.89 -8.09
CA LYS B 212 18.57 -19.18 -8.71
C LYS B 212 19.73 -19.02 -7.77
N LYS B 213 20.87 -19.49 -8.16
CA LYS B 213 22.15 -19.45 -7.52
C LYS B 213 22.77 -18.05 -7.77
N ILE B 214 23.23 -17.35 -6.76
CA ILE B 214 23.85 -16.06 -6.91
C ILE B 214 25.36 -16.21 -6.87
N VAL B 215 25.99 -15.91 -7.98
CA VAL B 215 27.44 -15.97 -8.14
C VAL B 215 27.99 -14.57 -8.39
N PRO B 216 29.29 -14.50 -7.83
CA PRO B 216 29.96 -13.21 -8.03
C PRO B 216 29.92 -12.78 -9.48
#